data_5HCB
#
_entry.id   5HCB
#
_cell.length_a   149.320
_cell.length_b   149.320
_cell.length_c   117.040
_cell.angle_alpha   90.00
_cell.angle_beta   90.00
_cell.angle_gamma   90.00
#
_symmetry.space_group_name_H-M   'P 42 21 2'
#
loop_
_entity.id
_entity.type
_entity.pdbx_description
1 polymer Calreticulin
2 non-polymer 'SULFATE ION'
3 non-polymer 'CALCIUM ION'
4 non-polymer 'CHLORIDE ION'
5 non-polymer GLYCEROL
6 water water
#
_entity_poly.entity_id   1
_entity_poly.type   'polypeptide(L)'
_entity_poly.pdbx_seq_one_letter_code
;MSAKVYFHETFENRDKWIDSTSSGKALGPFKIVSGKWYGDANNKGLQTSEDNKFYIAAAKLDEEFSNKDKNLIVQYNLKF
EQGIDCGGGYIKLLPKKSIESEEKFTPESEYNIMFGPDVCGGSKRTHVIMNYKGKNNLIRKEIKCESDDISHLYTLIIRP
NNTYVVKIDGVEKQEGKFDEDWDMLAPKEIDDGSGIANPDYVYDPELYKYDSFAYIGIDVWQVKAGTIYDDILITDDIEE
AEKEAKVILERNAAEKKMRDEIKEAENGHHHHHH
;
_entity_poly.pdbx_strand_id   A,B
#
# COMPACT_ATOMS: atom_id res chain seq x y z
N SER A 2 -2.78 31.23 -20.91
CA SER A 2 -1.51 30.59 -21.25
C SER A 2 -1.05 29.68 -20.10
N ALA A 3 0.18 29.18 -20.21
CA ALA A 3 0.71 28.27 -19.20
C ALA A 3 1.12 29.01 -17.92
N LYS A 4 0.83 28.38 -16.78
CA LYS A 4 1.18 28.89 -15.45
C LYS A 4 2.23 27.97 -14.86
N VAL A 5 3.42 28.51 -14.61
CA VAL A 5 4.49 27.77 -13.95
C VAL A 5 4.59 28.32 -12.54
N TYR A 6 4.21 27.52 -11.56
CA TYR A 6 4.18 27.97 -10.17
C TYR A 6 5.53 27.86 -9.51
N PHE A 7 6.47 27.14 -10.12
CA PHE A 7 7.77 26.94 -9.52
C PHE A 7 8.68 26.28 -10.54
N HIS A 8 9.89 26.81 -10.68
CA HIS A 8 10.90 26.18 -11.53
C HIS A 8 12.25 26.50 -10.90
N GLU A 9 12.80 25.54 -10.16
CA GLU A 9 14.09 25.70 -9.53
C GLU A 9 15.14 24.95 -10.34
N THR A 10 16.25 25.63 -10.66
CA THR A 10 17.33 25.03 -11.43
C THR A 10 18.59 24.84 -10.59
N PHE A 11 18.58 25.35 -9.37
CA PHE A 11 19.69 25.22 -8.42
C PHE A 11 20.97 25.84 -8.95
N GLU A 12 20.86 27.05 -9.52
CA GLU A 12 22.06 27.88 -9.64
C GLU A 12 22.57 28.24 -8.26
N ASN A 13 21.64 28.53 -7.36
CA ASN A 13 21.90 28.69 -5.95
C ASN A 13 20.80 27.93 -5.20
N ARG A 14 20.85 28.09 -3.89
CA ARG A 14 20.04 27.37 -2.92
C ARG A 14 19.36 28.35 -1.97
N ASP A 15 19.30 29.62 -2.37
CA ASP A 15 18.89 30.67 -1.46
C ASP A 15 17.46 30.49 -0.98
N LYS A 16 16.55 30.10 -1.87
CA LYS A 16 15.15 30.02 -1.45
C LYS A 16 14.90 28.88 -0.46
N TRP A 17 15.91 28.05 -0.21
CA TRP A 17 15.75 26.85 0.59
C TRP A 17 16.34 27.07 1.98
N ILE A 18 15.54 26.88 3.01
CA ILE A 18 15.96 27.07 4.39
C ILE A 18 15.99 25.72 5.09
N ASP A 19 17.14 25.39 5.68
CA ASP A 19 17.23 24.18 6.47
C ASP A 19 16.29 24.32 7.67
N SER A 20 15.50 23.29 7.91
CA SER A 20 14.63 23.26 9.08
C SER A 20 15.40 23.49 10.37
N THR A 21 14.88 24.39 11.21
CA THR A 21 15.34 24.54 12.59
C THR A 21 14.33 23.99 13.60
N SER A 22 13.43 23.11 13.16
CA SER A 22 12.36 22.63 14.01
C SER A 22 12.17 21.12 13.99
N SER A 23 12.89 20.38 13.14
CA SER A 23 12.84 18.93 13.25
C SER A 23 13.65 18.55 14.46
N GLY A 24 13.28 17.46 15.08
CA GLY A 24 14.15 17.24 16.22
C GLY A 24 15.45 16.55 15.89
N LYS A 25 15.81 16.48 14.61
CA LYS A 25 16.84 15.57 14.10
C LYS A 25 18.14 16.29 13.75
N ALA A 26 19.21 15.49 13.72
CA ALA A 26 20.54 15.94 13.38
C ALA A 26 20.66 16.04 11.86
N LEU A 27 20.80 17.26 11.36
CA LEU A 27 20.82 17.49 9.92
C LEU A 27 22.24 17.54 9.39
N GLY A 28 22.35 17.19 8.11
CA GLY A 28 23.57 17.36 7.36
C GLY A 28 23.46 18.60 6.48
N PRO A 29 24.59 19.02 5.89
CA PRO A 29 24.59 20.18 5.00
C PRO A 29 24.37 19.82 3.54
N PHE A 30 23.51 20.58 2.88
CA PHE A 30 23.44 20.54 1.42
C PHE A 30 24.58 21.34 0.81
N LYS A 31 25.03 20.88 -0.34
CA LYS A 31 26.01 21.62 -1.11
C LYS A 31 25.55 21.72 -2.56
N ILE A 32 25.84 22.85 -3.19
CA ILE A 32 25.57 23.00 -4.61
C ILE A 32 26.76 22.55 -5.41
N VAL A 33 26.52 21.62 -6.33
CA VAL A 33 27.55 20.78 -6.91
C VAL A 33 27.28 20.59 -8.40
N SER A 34 28.37 20.37 -9.14
CA SER A 34 28.25 19.99 -10.53
C SER A 34 27.86 18.52 -10.68
N GLY A 35 28.48 17.67 -9.86
CA GLY A 35 28.29 16.22 -9.91
C GLY A 35 29.51 15.56 -10.55
N LYS A 36 29.72 14.28 -10.21
CA LYS A 36 30.85 13.57 -10.82
C LYS A 36 30.69 13.44 -12.33
N TRP A 37 29.46 13.49 -12.83
CA TRP A 37 29.19 13.56 -14.25
C TRP A 37 27.90 14.33 -14.42
N TYR A 38 27.80 15.05 -15.53
CA TYR A 38 26.77 16.06 -15.75
C TYR A 38 26.69 16.33 -17.25
N GLY A 39 25.55 16.89 -17.66
CA GLY A 39 25.29 17.23 -19.05
C GLY A 39 25.56 18.66 -19.45
N ASP A 40 25.73 19.54 -18.47
CA ASP A 40 26.15 20.91 -18.75
C ASP A 40 26.90 21.41 -17.52
N ALA A 41 28.18 21.79 -17.71
CA ALA A 41 29.02 22.20 -16.60
C ALA A 41 28.56 23.50 -15.95
N ASN A 42 27.73 24.28 -16.64
CA ASN A 42 27.14 25.44 -16.01
C ASN A 42 25.96 25.10 -15.12
N ASN A 43 25.35 23.93 -15.28
CA ASN A 43 24.23 23.59 -14.42
C ASN A 43 24.69 22.88 -13.16
N LYS A 44 23.98 23.15 -12.06
CA LYS A 44 24.31 22.52 -10.78
C LYS A 44 23.06 21.83 -10.21
N GLY A 45 23.21 21.28 -9.01
CA GLY A 45 22.14 20.58 -8.35
C GLY A 45 22.33 20.69 -6.86
N LEU A 46 21.33 20.29 -6.11
CA LEU A 46 21.40 20.35 -4.67
C LEU A 46 21.82 18.97 -4.18
N GLN A 47 22.89 18.88 -3.40
CA GLN A 47 23.38 17.56 -3.02
C GLN A 47 23.53 17.38 -1.51
N THR A 48 23.10 16.21 -1.04
CA THR A 48 23.35 15.75 0.32
C THR A 48 24.82 15.32 0.48
N SER A 49 25.49 15.80 1.53
CA SER A 49 26.93 15.72 1.55
C SER A 49 27.55 14.92 2.68
N GLU A 50 26.77 14.37 3.61
CA GLU A 50 27.37 13.71 4.78
C GLU A 50 26.55 12.48 5.16
N ASP A 51 27.21 11.34 5.28
CA ASP A 51 26.55 10.08 5.52
C ASP A 51 25.79 10.06 6.85
N ASN A 52 24.78 9.20 6.91
CA ASN A 52 23.91 9.00 8.07
C ASN A 52 23.50 10.31 8.72
N LYS A 53 22.81 11.14 7.96
CA LYS A 53 22.21 12.35 8.51
C LYS A 53 20.92 12.57 7.77
N PHE A 54 20.07 13.42 8.34
CA PHE A 54 18.83 13.83 7.69
C PHE A 54 19.11 15.08 6.84
N TYR A 55 18.36 15.25 5.76
CA TYR A 55 18.48 16.49 4.99
C TYR A 55 17.10 17.09 4.82
N ILE A 56 16.86 18.19 5.53
CA ILE A 56 15.53 18.76 5.69
C ILE A 56 15.60 20.25 5.45
N ALA A 57 15.01 20.71 4.34
CA ALA A 57 14.90 22.14 4.02
C ALA A 57 13.63 22.38 3.22
N ALA A 58 13.15 23.62 3.22
CA ALA A 58 11.91 23.94 2.51
C ALA A 58 12.04 25.29 1.81
N ALA A 59 11.20 25.46 0.80
CA ALA A 59 11.20 26.65 -0.04
C ALA A 59 9.78 27.03 -0.44
N LYS A 60 9.60 28.33 -0.59
CA LYS A 60 8.32 28.90 -0.94
C LYS A 60 8.13 28.87 -2.45
N LEU A 61 6.92 28.55 -2.92
CA LEU A 61 6.81 28.56 -4.38
C LEU A 61 6.49 29.98 -4.83
N ASP A 62 6.67 30.21 -6.13
CA ASP A 62 6.52 31.56 -6.66
C ASP A 62 5.12 32.12 -6.40
N GLU A 63 4.15 31.24 -6.16
CA GLU A 63 2.73 31.60 -6.08
C GLU A 63 1.99 30.53 -5.29
N GLU A 64 1.12 30.95 -4.38
CA GLU A 64 0.20 29.99 -3.76
C GLU A 64 -0.96 29.72 -4.71
N PHE A 65 -1.33 28.45 -4.86
CA PHE A 65 -2.31 28.09 -5.87
C PHE A 65 -3.12 26.88 -5.43
N SER A 66 -4.23 26.67 -6.15
CA SER A 66 -5.04 25.46 -6.02
C SER A 66 -5.15 24.80 -7.37
N ASN A 67 -5.10 23.48 -7.36
CA ASN A 67 -5.27 22.73 -8.59
C ASN A 67 -6.73 22.36 -8.83
N LYS A 68 -7.64 22.97 -8.07
CA LYS A 68 -9.06 22.71 -8.28
C LYS A 68 -9.45 23.09 -9.72
N ASP A 69 -10.19 22.20 -10.38
CA ASP A 69 -10.67 22.39 -11.76
C ASP A 69 -9.55 22.66 -12.77
N LYS A 70 -8.37 22.07 -12.56
CA LYS A 70 -7.14 22.63 -13.08
C LYS A 70 -6.19 21.46 -13.26
N ASN A 71 -5.35 21.48 -14.28
CA ASN A 71 -4.39 20.38 -14.28
C ASN A 71 -3.20 20.67 -13.34
N LEU A 72 -2.45 19.63 -13.00
CA LEU A 72 -1.23 19.86 -12.21
C LEU A 72 -0.17 18.81 -12.51
N ILE A 73 1.05 19.28 -12.73
CA ILE A 73 2.19 18.41 -13.04
C ILE A 73 3.35 18.78 -12.13
N VAL A 74 3.99 17.76 -11.54
CA VAL A 74 5.25 17.90 -10.83
C VAL A 74 6.24 16.98 -11.53
N GLN A 75 7.43 17.51 -11.79
CA GLN A 75 8.36 16.88 -12.70
C GLN A 75 9.73 17.39 -12.28
N TYR A 76 10.55 16.51 -11.74
CA TYR A 76 11.86 16.90 -11.25
C TYR A 76 12.83 15.80 -11.58
N ASN A 77 14.11 16.16 -11.63
CA ASN A 77 15.17 15.27 -12.05
C ASN A 77 16.01 14.93 -10.84
N LEU A 78 16.25 13.64 -10.61
CA LEU A 78 16.94 13.25 -9.39
C LEU A 78 17.97 12.16 -9.68
N LYS A 79 19.17 12.31 -9.09
CA LYS A 79 20.30 11.40 -9.38
C LYS A 79 20.88 10.84 -8.09
N PHE A 80 20.90 9.51 -7.99
CA PHE A 80 21.57 8.79 -6.90
C PHE A 80 23.00 8.49 -7.30
N GLU A 81 23.76 9.55 -7.49
CA GLU A 81 25.10 9.41 -8.02
C GLU A 81 26.01 8.56 -7.14
N GLN A 82 25.70 8.41 -5.85
CA GLN A 82 26.63 7.76 -4.95
C GLN A 82 26.54 6.24 -4.99
N GLY A 83 25.64 5.69 -5.81
CA GLY A 83 25.26 4.30 -5.72
C GLY A 83 24.48 4.11 -4.44
N ILE A 84 23.22 4.54 -4.43
CA ILE A 84 22.45 4.61 -3.19
C ILE A 84 22.30 3.20 -2.59
N ASP A 85 22.36 3.13 -1.25
CA ASP A 85 21.98 1.95 -0.50
C ASP A 85 20.70 2.18 0.27
N CYS A 86 20.60 3.31 0.95
CA CYS A 86 19.38 3.66 1.65
C CYS A 86 19.31 5.18 1.72
N GLY A 87 18.28 5.76 1.10
CA GLY A 87 18.03 7.18 1.18
C GLY A 87 16.88 7.62 0.28
N GLY A 88 16.19 8.70 0.65
CA GLY A 88 15.25 9.34 -0.28
C GLY A 88 16.12 10.36 -0.95
N GLY A 89 15.78 10.90 -2.11
CA GLY A 89 14.61 10.55 -2.86
C GLY A 89 13.63 11.65 -3.24
N TYR A 90 12.58 11.73 -2.43
CA TYR A 90 11.30 12.33 -2.75
C TYR A 90 11.26 13.83 -2.46
N ILE A 91 10.13 14.45 -2.81
CA ILE A 91 9.82 15.83 -2.45
C ILE A 91 8.44 15.83 -1.82
N LYS A 92 8.14 16.92 -1.09
CA LYS A 92 6.78 17.14 -0.56
C LYS A 92 6.28 18.51 -0.98
N LEU A 93 4.96 18.62 -1.11
CA LEU A 93 4.28 19.88 -1.37
C LEU A 93 3.31 20.20 -0.26
N LEU A 94 3.36 21.43 0.26
CA LEU A 94 2.61 21.76 1.47
C LEU A 94 1.70 22.96 1.30
N PRO A 95 0.57 22.97 2.00
CA PRO A 95 -0.33 24.13 2.01
C PRO A 95 0.20 25.26 2.92
N LYS A 96 -0.40 26.44 2.79
CA LYS A 96 0.13 27.61 3.48
C LYS A 96 0.01 27.51 4.99
N LYS A 97 -0.89 26.67 5.49
CA LYS A 97 -0.87 26.33 6.91
C LYS A 97 0.19 25.25 7.09
N SER A 98 0.12 24.50 8.20
CA SER A 98 1.10 23.47 8.55
C SER A 98 2.47 24.06 8.94
N ILE A 99 2.85 25.21 8.38
CA ILE A 99 4.13 25.83 8.73
C ILE A 99 4.01 27.35 8.56
N GLU A 100 4.46 28.07 9.59
CA GLU A 100 4.39 29.53 9.56
C GLU A 100 5.44 30.13 8.63
N SER A 101 6.58 29.47 8.48
CA SER A 101 7.47 29.72 7.35
C SER A 101 8.46 28.57 7.25
N GLU A 102 9.35 28.67 6.26
CA GLU A 102 10.08 27.51 5.75
C GLU A 102 10.85 26.81 6.86
N GLU A 103 11.46 27.57 7.77
CA GLU A 103 12.33 26.92 8.74
C GLU A 103 11.58 25.97 9.66
N LYS A 104 10.25 26.05 9.69
CA LYS A 104 9.46 25.25 10.62
C LYS A 104 8.94 23.97 9.97
N PHE A 105 9.36 23.69 8.73
CA PHE A 105 9.08 22.43 8.05
C PHE A 105 9.74 21.26 8.77
N THR A 106 9.00 20.16 8.92
CA THR A 106 9.46 18.94 9.55
C THR A 106 8.77 17.77 8.88
N PRO A 107 9.30 16.54 9.02
CA PRO A 107 8.58 15.37 8.44
C PRO A 107 7.14 15.29 8.89
N GLU A 108 6.87 15.64 10.15
CA GLU A 108 5.56 15.59 10.75
C GLU A 108 4.64 16.70 10.28
N SER A 109 5.14 17.62 9.47
CA SER A 109 4.29 18.68 8.96
C SER A 109 3.27 18.14 7.98
N GLU A 110 2.08 18.71 8.01
CA GLU A 110 1.07 18.27 7.07
C GLU A 110 1.49 18.67 5.67
N TYR A 111 1.36 17.73 4.72
CA TYR A 111 1.68 17.93 3.32
C TYR A 111 0.49 17.54 2.46
N ASN A 112 0.45 18.08 1.25
CA ASN A 112 -0.56 17.65 0.30
C ASN A 112 -0.17 16.34 -0.38
N ILE A 113 1.06 16.26 -0.88
CA ILE A 113 1.52 15.14 -1.69
C ILE A 113 2.99 14.90 -1.37
N MET A 114 3.37 13.63 -1.27
CA MET A 114 4.78 13.26 -1.24
C MET A 114 5.02 12.34 -2.42
N PHE A 115 6.04 12.65 -3.21
CA PHE A 115 6.23 12.04 -4.52
C PHE A 115 7.70 11.87 -4.81
N GLY A 116 8.08 10.76 -5.39
CA GLY A 116 9.45 10.58 -5.78
C GLY A 116 10.07 9.27 -5.32
N PRO A 117 11.30 9.02 -5.80
CA PRO A 117 12.04 7.81 -5.46
C PRO A 117 12.32 7.68 -3.97
N ASP A 118 12.45 6.42 -3.53
CA ASP A 118 12.87 6.14 -2.16
C ASP A 118 13.43 4.74 -2.14
N VAL A 119 14.71 4.62 -1.77
CA VAL A 119 15.43 3.34 -1.86
C VAL A 119 16.00 3.00 -0.49
N CYS A 120 15.80 1.75 -0.07
CA CYS A 120 16.44 1.25 1.14
C CYS A 120 16.41 -0.27 1.07
N GLY A 121 17.59 -0.89 1.08
CA GLY A 121 17.67 -2.34 0.99
C GLY A 121 16.95 -2.80 -0.26
N GLY A 122 16.02 -3.73 -0.10
CA GLY A 122 15.28 -4.20 -1.24
C GLY A 122 14.08 -3.37 -1.63
N SER A 123 13.77 -2.30 -0.89
CA SER A 123 12.62 -1.47 -1.18
C SER A 123 13.05 -0.34 -2.10
N LYS A 124 12.55 -0.37 -3.32
CA LYS A 124 12.83 0.69 -4.28
C LYS A 124 11.50 1.04 -4.94
N ARG A 125 10.87 2.13 -4.50
CA ARG A 125 9.62 2.49 -5.16
C ARG A 125 9.55 4.01 -5.30
N THR A 126 8.61 4.41 -6.13
CA THR A 126 8.32 5.81 -6.41
C THR A 126 7.09 6.18 -5.59
N HIS A 127 7.26 7.05 -4.62
CA HIS A 127 6.13 7.43 -3.79
C HIS A 127 5.11 8.21 -4.60
N VAL A 128 3.84 7.93 -4.31
CA VAL A 128 2.75 8.87 -4.58
C VAL A 128 1.84 8.84 -3.36
N ILE A 129 2.28 9.46 -2.28
CA ILE A 129 1.46 9.54 -1.07
C ILE A 129 0.50 10.70 -1.23
N MET A 130 -0.80 10.43 -1.04
CA MET A 130 -1.82 11.46 -1.08
C MET A 130 -2.43 11.70 0.28
N ASN A 131 -2.42 12.98 0.70
CA ASN A 131 -2.98 13.39 1.98
C ASN A 131 -4.45 13.68 1.79
N TYR A 132 -5.26 13.04 2.61
CA TYR A 132 -6.70 13.12 2.55
C TYR A 132 -7.21 13.02 3.97
N LYS A 133 -8.06 13.95 4.39
CA LYS A 133 -8.72 13.77 5.67
C LYS A 133 -7.73 13.73 6.83
N GLY A 134 -6.62 14.46 6.69
CA GLY A 134 -5.65 14.44 7.77
C GLY A 134 -4.70 13.25 7.80
N LYS A 135 -4.91 12.23 6.96
CA LYS A 135 -4.07 11.05 6.98
C LYS A 135 -3.35 10.87 5.65
N ASN A 136 -2.09 10.44 5.72
CA ASN A 136 -1.28 10.17 4.54
C ASN A 136 -1.60 8.79 4.01
N ASN A 137 -1.91 8.69 2.71
CA ASN A 137 -2.31 7.43 2.09
C ASN A 137 -1.31 7.01 1.02
N LEU A 138 -0.85 5.77 1.12
CA LEU A 138 0.10 5.18 0.18
C LEU A 138 -0.61 4.63 -1.08
N ILE A 139 0.11 4.64 -2.22
CA ILE A 139 -0.50 4.38 -3.51
C ILE A 139 -1.04 2.98 -3.69
N ARG A 140 -0.63 1.99 -2.90
CA ARG A 140 -1.40 0.73 -2.94
C ARG A 140 -1.18 -0.10 -4.22
N LYS A 141 -0.15 0.22 -5.02
CA LYS A 141 0.10 -0.33 -6.37
C LYS A 141 1.59 -0.03 -6.51
N GLU A 142 2.47 -1.02 -6.43
CA GLU A 142 3.89 -0.70 -6.44
C GLU A 142 4.31 -0.02 -7.75
N ILE A 143 5.18 0.98 -7.61
CA ILE A 143 5.75 1.71 -8.72
C ILE A 143 7.25 1.72 -8.43
N LYS A 144 8.01 0.88 -9.12
CA LYS A 144 9.43 0.86 -8.78
C LYS A 144 10.10 2.13 -9.25
N CYS A 145 11.22 2.42 -8.65
CA CYS A 145 11.96 3.61 -9.00
C CYS A 145 13.34 3.19 -9.45
N GLU A 146 14.00 4.07 -10.19
CA GLU A 146 15.35 3.76 -10.63
C GLU A 146 16.29 3.90 -9.45
N SER A 147 17.37 3.13 -9.50
CA SER A 147 18.30 3.06 -8.39
C SER A 147 19.76 3.14 -8.83
N ASP A 148 20.04 3.31 -10.14
CA ASP A 148 21.41 3.45 -10.62
C ASP A 148 21.93 4.85 -10.32
N ASP A 149 23.05 5.20 -10.99
CA ASP A 149 23.73 6.42 -10.63
C ASP A 149 23.61 7.52 -11.69
N ILE A 150 22.62 7.48 -12.61
CA ILE A 150 22.53 8.65 -13.49
C ILE A 150 21.23 9.31 -13.08
N SER A 151 20.99 10.51 -13.61
CA SER A 151 19.76 11.22 -13.30
C SER A 151 18.56 10.60 -14.03
N HIS A 152 17.40 10.62 -13.37
CA HIS A 152 16.15 10.22 -14.01
C HIS A 152 15.06 11.21 -13.68
N LEU A 153 14.12 11.38 -14.60
CA LEU A 153 13.13 12.44 -14.50
C LEU A 153 11.79 11.85 -14.06
N TYR A 154 11.39 12.13 -12.82
CA TYR A 154 10.12 11.65 -12.28
C TYR A 154 9.02 12.67 -12.57
N THR A 155 7.94 12.20 -13.21
CA THR A 155 6.84 13.08 -13.61
C THR A 155 5.51 12.52 -13.10
N LEU A 156 4.76 13.32 -12.35
CA LEU A 156 3.41 13.00 -11.91
C LEU A 156 2.44 14.06 -12.39
N ILE A 157 1.29 13.62 -12.93
CA ILE A 157 0.30 14.58 -13.43
C ILE A 157 -1.02 14.22 -12.81
N ILE A 158 -1.74 15.22 -12.31
CA ILE A 158 -3.01 15.02 -11.60
C ILE A 158 -4.07 15.91 -12.24
N ARG A 159 -5.10 15.25 -12.93
N ARG A 159 -5.10 15.27 -12.91
CA ARG A 159 -6.20 15.86 -13.67
CA ARG A 159 -6.20 15.85 -13.67
C ARG A 159 -7.47 15.93 -12.82
C ARG A 159 -7.46 15.92 -12.82
N PRO A 160 -8.34 16.90 -13.11
CA PRO A 160 -9.58 17.07 -12.29
C PRO A 160 -10.65 16.03 -12.55
N ASN A 161 -10.48 15.19 -13.58
CA ASN A 161 -11.14 13.90 -13.74
C ASN A 161 -10.98 12.96 -12.53
N ASN A 162 -10.12 13.28 -11.55
CA ASN A 162 -9.73 12.40 -10.45
C ASN A 162 -8.87 11.24 -10.89
N THR A 163 -7.93 11.50 -11.80
CA THR A 163 -6.99 10.47 -12.22
C THR A 163 -5.58 11.03 -12.08
N TYR A 164 -4.62 10.11 -12.21
CA TYR A 164 -3.21 10.42 -12.14
C TYR A 164 -2.52 9.60 -13.21
N VAL A 165 -1.23 9.95 -13.41
CA VAL A 165 -0.23 9.13 -14.10
C VAL A 165 1.15 9.54 -13.66
N VAL A 166 2.03 8.55 -13.67
CA VAL A 166 3.40 8.67 -13.27
C VAL A 166 4.27 8.25 -14.45
N LYS A 167 5.22 9.11 -14.82
CA LYS A 167 6.23 8.74 -15.81
C LYS A 167 7.63 8.82 -15.21
N ILE A 168 8.56 8.09 -15.81
CA ILE A 168 9.98 8.15 -15.47
C ILE A 168 10.75 8.29 -16.78
N ASP A 169 11.50 9.38 -16.91
CA ASP A 169 12.21 9.69 -18.15
C ASP A 169 11.23 9.79 -19.32
N GLY A 170 10.02 10.25 -19.02
CA GLY A 170 8.99 10.47 -20.01
C GLY A 170 8.17 9.26 -20.39
N VAL A 171 8.44 8.08 -19.82
CA VAL A 171 7.70 6.88 -20.17
C VAL A 171 6.69 6.60 -19.06
N GLU A 172 5.42 6.58 -19.43
CA GLU A 172 4.34 6.37 -18.49
C GLU A 172 4.50 4.98 -17.87
N LYS A 173 4.59 4.91 -16.53
CA LYS A 173 4.67 3.62 -15.85
C LYS A 173 3.55 3.33 -14.87
N GLN A 174 2.66 4.29 -14.59
CA GLN A 174 1.44 4.00 -13.87
C GLN A 174 0.34 4.96 -14.27
N GLU A 175 -0.90 4.49 -14.17
CA GLU A 175 -2.07 5.18 -14.70
C GLU A 175 -3.23 4.70 -13.85
N GLY A 176 -4.06 5.59 -13.35
CA GLY A 176 -5.24 5.10 -12.63
C GLY A 176 -6.10 6.20 -12.05
N LYS A 177 -7.08 5.76 -11.23
CA LYS A 177 -8.06 6.62 -10.57
C LYS A 177 -7.84 6.67 -9.06
N PHE A 178 -7.93 7.87 -8.48
CA PHE A 178 -7.64 8.03 -7.05
C PHE A 178 -8.52 7.13 -6.18
N ASP A 179 -9.78 6.91 -6.57
CA ASP A 179 -10.66 6.14 -5.71
C ASP A 179 -10.42 4.64 -5.77
N GLU A 180 -9.77 4.14 -6.83
CA GLU A 180 -9.50 2.71 -6.91
C GLU A 180 -8.08 2.33 -6.49
N ASP A 181 -7.08 3.10 -6.86
CA ASP A 181 -5.74 2.68 -6.54
C ASP A 181 -5.24 3.23 -5.20
N TRP A 182 -5.96 4.14 -4.54
CA TRP A 182 -5.76 4.36 -3.10
C TRP A 182 -6.94 3.84 -2.27
N ASP A 183 -6.68 3.64 -0.98
CA ASP A 183 -7.74 3.37 0.00
C ASP A 183 -8.02 4.60 0.86
N MET A 184 -8.09 5.77 0.22
CA MET A 184 -8.33 7.02 0.92
C MET A 184 -9.68 7.06 1.62
N LEU A 185 -10.68 6.31 1.13
CA LEU A 185 -12.01 6.40 1.71
C LEU A 185 -12.25 5.31 2.75
N ALA A 186 -11.18 4.70 3.25
CA ALA A 186 -11.20 3.89 4.46
C ALA A 186 -10.03 4.39 5.29
N PRO A 187 -10.17 5.56 5.95
CA PRO A 187 -9.04 6.12 6.71
C PRO A 187 -8.71 5.34 7.99
N LYS A 188 -9.66 4.59 8.53
CA LYS A 188 -9.49 3.85 9.77
C LYS A 188 -9.17 2.37 9.53
N GLU A 189 -8.66 2.00 8.35
CA GLU A 189 -8.33 0.60 8.07
C GLU A 189 -6.98 0.18 8.67
N ILE A 190 -5.95 1.03 8.62
CA ILE A 190 -4.63 0.67 9.15
C ILE A 190 -4.69 0.57 10.68
N ASP A 191 -5.04 1.67 11.34
CA ASP A 191 -5.38 1.56 12.73
C ASP A 191 -6.79 0.94 12.79
N ASP A 192 -7.36 0.78 13.99
CA ASP A 192 -8.73 0.31 14.18
C ASP A 192 -9.07 -1.11 13.69
N GLY A 193 -8.15 -1.78 12.97
CA GLY A 193 -8.39 -3.11 12.43
C GLY A 193 -9.60 -3.30 11.54
N SER A 194 -10.08 -2.23 10.89
CA SER A 194 -11.25 -2.24 10.01
C SER A 194 -10.90 -2.66 8.59
N GLY A 195 -11.94 -2.90 7.78
CA GLY A 195 -11.80 -3.17 6.38
C GLY A 195 -12.01 -1.93 5.53
N ILE A 196 -11.98 -2.14 4.20
CA ILE A 196 -12.32 -1.05 3.29
C ILE A 196 -13.83 -0.84 3.27
N ALA A 197 -14.58 -1.94 3.17
CA ALA A 197 -16.04 -1.92 3.29
C ALA A 197 -16.48 -1.54 4.71
N ASN A 198 -16.99 -0.31 4.88
CA ASN A 198 -17.48 0.13 6.17
C ASN A 198 -18.64 1.11 5.92
N PRO A 199 -19.39 1.46 6.96
CA PRO A 199 -20.49 2.43 6.74
C PRO A 199 -20.08 3.83 6.27
N ASP A 200 -18.82 4.24 6.40
CA ASP A 200 -18.45 5.62 6.09
C ASP A 200 -17.66 5.72 4.77
N TYR A 201 -17.73 4.71 3.92
CA TYR A 201 -17.18 4.76 2.56
C TYR A 201 -18.20 5.43 1.63
N VAL A 202 -17.85 6.61 1.12
CA VAL A 202 -18.65 7.35 0.15
C VAL A 202 -17.70 7.98 -0.86
N TYR A 203 -18.06 7.91 -2.14
CA TYR A 203 -17.16 8.37 -3.20
C TYR A 203 -16.88 9.88 -3.06
N ASP A 204 -15.63 10.28 -3.31
CA ASP A 204 -15.22 11.70 -3.30
C ASP A 204 -14.67 12.10 -4.67
N PRO A 205 -15.42 12.89 -5.46
CA PRO A 205 -14.91 13.42 -6.75
C PRO A 205 -13.66 14.24 -6.67
N GLU A 206 -13.29 14.75 -5.49
CA GLU A 206 -12.23 15.73 -5.29
C GLU A 206 -11.09 15.16 -4.46
N LEU A 207 -10.84 13.84 -4.60
CA LEU A 207 -9.65 13.29 -3.96
C LEU A 207 -8.38 13.83 -4.57
N TYR A 208 -8.49 14.46 -5.74
CA TYR A 208 -7.36 15.08 -6.41
C TYR A 208 -7.12 16.51 -5.98
N LYS A 209 -8.10 17.18 -5.37
CA LYS A 209 -8.03 18.62 -5.15
C LYS A 209 -7.40 18.97 -3.82
N TYR A 210 -6.59 20.03 -3.82
CA TYR A 210 -6.02 20.60 -2.61
C TYR A 210 -6.31 22.09 -2.61
N ASP A 211 -6.81 22.59 -1.48
CA ASP A 211 -7.10 24.02 -1.37
C ASP A 211 -5.85 24.87 -1.49
N SER A 212 -4.73 24.42 -0.93
CA SER A 212 -3.54 25.28 -0.86
C SER A 212 -2.31 24.49 -1.23
N PHE A 213 -1.59 24.95 -2.27
CA PHE A 213 -0.22 24.55 -2.54
C PHE A 213 0.70 25.74 -2.29
N ALA A 214 1.63 25.59 -1.34
CA ALA A 214 2.47 26.73 -0.99
C ALA A 214 3.94 26.41 -0.84
N TYR A 215 4.29 25.45 0.00
CA TYR A 215 5.69 25.19 0.26
C TYR A 215 6.09 23.93 -0.53
N ILE A 216 7.37 23.85 -0.96
CA ILE A 216 7.98 22.58 -1.35
C ILE A 216 9.06 22.27 -0.33
N GLY A 217 9.30 20.99 -0.10
CA GLY A 217 10.24 20.56 0.93
C GLY A 217 10.96 19.27 0.61
N ILE A 218 12.17 19.15 1.13
CA ILE A 218 12.96 17.93 1.09
C ILE A 218 13.27 17.57 2.54
N ASP A 219 13.01 16.32 2.92
CA ASP A 219 13.32 15.86 4.27
C ASP A 219 13.66 14.36 4.17
N VAL A 220 14.83 14.06 3.62
CA VAL A 220 15.18 12.67 3.38
C VAL A 220 16.27 12.26 4.36
N TRP A 221 16.26 10.98 4.69
CA TRP A 221 17.35 10.33 5.38
C TRP A 221 18.40 9.84 4.37
N GLN A 222 19.68 9.92 4.74
CA GLN A 222 20.70 9.31 3.91
C GLN A 222 21.63 8.47 4.76
N VAL A 223 21.89 7.26 4.30
CA VAL A 223 22.94 6.45 4.84
C VAL A 223 24.16 6.86 4.03
N LYS A 224 24.19 6.48 2.75
CA LYS A 224 25.21 6.98 1.83
C LYS A 224 24.67 8.26 1.22
N ALA A 225 25.23 9.41 1.61
CA ALA A 225 24.78 10.67 1.03
C ALA A 225 25.33 10.82 -0.41
N GLY A 226 24.91 11.89 -1.08
CA GLY A 226 25.33 12.14 -2.45
C GLY A 226 24.22 12.31 -3.44
N THR A 227 22.98 12.08 -3.07
CA THR A 227 21.86 12.40 -3.94
C THR A 227 21.89 13.86 -4.43
N ILE A 228 21.54 14.05 -5.71
CA ILE A 228 21.47 15.38 -6.29
C ILE A 228 20.06 15.59 -6.78
N TYR A 229 19.41 16.65 -6.29
CA TYR A 229 18.20 17.19 -6.89
C TYR A 229 18.67 18.21 -7.92
N ASP A 230 18.43 17.90 -9.20
CA ASP A 230 18.87 18.74 -10.31
C ASP A 230 17.91 19.89 -10.57
N ASP A 231 16.72 19.57 -11.07
CA ASP A 231 15.74 20.54 -11.54
C ASP A 231 14.37 20.17 -10.97
N ILE A 232 13.58 21.17 -10.58
CA ILE A 232 12.22 20.93 -10.10
C ILE A 232 11.28 21.84 -10.88
N LEU A 233 10.21 21.26 -11.43
CA LEU A 233 9.22 22.04 -12.14
C LEU A 233 7.83 21.70 -11.63
N ILE A 234 7.01 22.73 -11.37
CA ILE A 234 5.60 22.56 -11.07
C ILE A 234 4.80 23.54 -11.92
N THR A 235 3.73 23.03 -12.55
CA THR A 235 2.97 23.82 -13.50
C THR A 235 1.60 23.18 -13.70
N ASP A 236 0.69 23.98 -14.25
CA ASP A 236 -0.67 23.53 -14.53
C ASP A 236 -0.88 23.18 -16.01
N ASP A 237 0.20 23.04 -16.79
CA ASP A 237 0.04 22.83 -18.22
C ASP A 237 0.89 21.63 -18.64
N ILE A 238 0.27 20.67 -19.35
CA ILE A 238 0.88 19.38 -19.68
C ILE A 238 1.93 19.54 -20.75
N GLU A 239 1.56 20.20 -21.86
CA GLU A 239 2.57 20.78 -22.73
C GLU A 239 3.28 21.82 -21.88
N GLU A 240 4.49 22.20 -22.26
CA GLU A 240 5.34 23.05 -21.42
C GLU A 240 5.99 22.15 -20.38
N ALA A 241 5.21 21.27 -19.75
CA ALA A 241 5.83 20.26 -18.90
C ALA A 241 6.57 19.24 -19.77
N GLU A 242 5.95 18.82 -20.87
CA GLU A 242 6.68 17.92 -21.75
C GLU A 242 7.64 18.71 -22.64
N LYS A 243 7.39 20.01 -22.87
CA LYS A 243 8.38 20.87 -23.50
C LYS A 243 9.65 20.93 -22.65
N GLU A 244 9.51 21.29 -21.37
CA GLU A 244 10.69 21.39 -20.52
C GLU A 244 11.23 20.03 -20.18
N ALA A 245 10.44 18.98 -20.39
CA ALA A 245 11.01 17.67 -20.18
C ALA A 245 12.13 17.41 -21.19
N LYS A 246 11.92 17.76 -22.46
CA LYS A 246 12.85 17.26 -23.48
C LYS A 246 14.22 17.91 -23.36
N VAL A 247 14.28 19.14 -22.84
CA VAL A 247 15.60 19.72 -22.60
C VAL A 247 16.32 18.95 -21.51
N ILE A 248 15.64 18.65 -20.41
CA ILE A 248 16.26 17.94 -19.31
C ILE A 248 16.63 16.53 -19.75
N LEU A 249 15.86 15.92 -20.67
CA LEU A 249 16.27 14.57 -21.01
C LEU A 249 17.40 14.52 -22.03
N GLU A 250 17.74 15.59 -22.78
CA GLU A 250 19.07 15.48 -23.41
C GLU A 250 20.14 15.66 -22.36
N ARG A 251 19.95 16.63 -21.46
CA ARG A 251 21.03 16.89 -20.52
C ARG A 251 21.37 15.61 -19.76
N ASN A 252 20.36 14.75 -19.53
CA ASN A 252 20.65 13.44 -18.97
C ASN A 252 21.38 12.55 -19.97
N ALA A 253 21.07 12.64 -21.26
CA ALA A 253 21.80 11.83 -22.24
C ALA A 253 23.28 12.18 -22.23
N ALA A 254 23.59 13.47 -22.30
CA ALA A 254 24.96 13.94 -22.18
C ALA A 254 25.57 13.48 -20.86
N GLU A 255 24.84 13.67 -19.76
CA GLU A 255 25.29 13.22 -18.44
C GLU A 255 25.63 11.74 -18.50
N LYS A 256 24.81 10.98 -19.21
CA LYS A 256 25.04 9.55 -19.40
C LYS A 256 26.33 9.28 -20.17
N LYS A 257 26.61 10.06 -21.24
CA LYS A 257 27.77 9.65 -22.02
C LYS A 257 29.04 10.00 -21.22
N MET A 258 29.01 11.11 -20.48
CA MET A 258 30.14 11.47 -19.64
C MET A 258 30.38 10.42 -18.55
N ARG A 259 29.32 9.82 -18.02
CA ARG A 259 29.46 8.84 -16.95
C ARG A 259 30.20 7.58 -17.37
N ASP A 260 29.75 6.89 -18.44
CA ASP A 260 30.37 5.60 -18.74
C ASP A 260 31.81 5.82 -19.17
N GLU A 261 32.10 7.07 -19.46
CA GLU A 261 33.38 7.61 -19.85
C GLU A 261 34.26 7.87 -18.62
N ILE A 262 33.65 8.15 -17.45
CA ILE A 262 34.49 8.15 -16.24
C ILE A 262 34.71 6.71 -15.72
N LYS A 263 33.75 5.79 -15.86
CA LYS A 263 34.07 4.48 -15.31
C LYS A 263 34.84 3.59 -16.29
N GLU A 264 35.22 4.07 -17.47
CA GLU A 264 36.17 3.28 -18.23
C GLU A 264 37.58 3.58 -17.79
N ALA A 265 37.75 4.73 -17.15
CA ALA A 265 39.01 5.06 -16.50
C ALA A 265 39.27 4.16 -15.30
N GLU A 266 38.20 3.66 -14.67
CA GLU A 266 38.34 2.76 -13.54
C GLU A 266 38.19 1.29 -14.03
N SER B 2 3.01 -36.59 9.56
CA SER B 2 3.67 -35.68 8.63
C SER B 2 2.97 -34.33 8.61
N ALA B 3 1.97 -34.18 7.76
CA ALA B 3 1.30 -32.90 7.63
C ALA B 3 0.46 -32.60 8.88
N LYS B 4 0.47 -31.34 9.29
CA LYS B 4 -0.29 -30.85 10.44
C LYS B 4 -1.36 -29.89 9.95
N VAL B 5 -2.62 -30.20 10.19
CA VAL B 5 -3.70 -29.31 9.82
C VAL B 5 -4.18 -28.61 11.08
N TYR B 6 -3.90 -27.32 11.20
CA TYR B 6 -4.22 -26.61 12.42
C TYR B 6 -5.70 -26.25 12.50
N PHE B 7 -6.41 -26.35 11.38
CA PHE B 7 -7.80 -25.92 11.31
C PHE B 7 -8.37 -26.33 9.98
N HIS B 8 -9.57 -26.87 10.00
CA HIS B 8 -10.29 -27.11 8.76
C HIS B 8 -11.77 -27.01 9.10
N GLU B 9 -12.36 -25.87 8.79
CA GLU B 9 -13.78 -25.66 9.04
C GLU B 9 -14.51 -25.93 7.74
N THR B 10 -15.55 -26.76 7.82
CA THR B 10 -16.41 -27.03 6.69
C THR B 10 -17.80 -26.48 6.91
N PHE B 11 -18.05 -25.94 8.10
CA PHE B 11 -19.33 -25.38 8.45
C PHE B 11 -20.46 -26.39 8.30
N GLU B 12 -20.26 -27.62 8.76
CA GLU B 12 -21.47 -28.41 8.95
C GLU B 12 -22.30 -27.74 10.01
N ASN B 13 -21.62 -27.21 11.02
CA ASN B 13 -22.21 -26.38 12.04
C ASN B 13 -21.36 -25.16 12.29
N ARG B 14 -21.76 -24.39 13.27
CA ARG B 14 -21.16 -23.10 13.57
C ARG B 14 -20.78 -23.08 15.05
N ASP B 15 -20.66 -24.28 15.64
CA ASP B 15 -20.46 -24.48 17.07
C ASP B 15 -19.18 -23.86 17.60
N LYS B 16 -18.07 -23.96 16.86
CA LYS B 16 -16.85 -23.35 17.38
C LYS B 16 -16.89 -21.82 17.30
N TRP B 17 -17.89 -21.24 16.67
CA TRP B 17 -17.88 -19.82 16.37
C TRP B 17 -18.79 -19.03 17.29
N ILE B 18 -18.19 -18.09 18.04
CA ILE B 18 -18.87 -17.29 19.05
C ILE B 18 -18.95 -15.84 18.55
N ASP B 19 -20.17 -15.30 18.53
CA ASP B 19 -20.39 -13.91 18.22
C ASP B 19 -19.82 -13.03 19.32
N SER B 20 -19.15 -11.96 18.93
CA SER B 20 -18.62 -11.02 19.90
C SER B 20 -19.70 -10.48 20.83
N THR B 21 -19.44 -10.56 22.11
CA THR B 21 -20.23 -9.82 23.06
C THR B 21 -19.45 -8.65 23.65
N SER B 22 -18.46 -8.14 22.94
CA SER B 22 -17.62 -7.05 23.43
C SER B 22 -17.50 -5.90 22.45
N SER B 23 -18.05 -6.03 21.25
CA SER B 23 -18.13 -4.94 20.30
C SER B 23 -19.21 -3.97 20.73
N GLY B 24 -19.12 -2.76 20.20
CA GLY B 24 -20.15 -1.81 20.53
C GLY B 24 -21.37 -1.89 19.64
N LYS B 25 -21.46 -2.92 18.79
CA LYS B 25 -22.47 -3.05 17.73
C LYS B 25 -23.50 -4.07 18.22
N ALA B 26 -24.76 -4.20 17.75
CA ALA B 26 -25.42 -3.77 16.52
C ALA B 26 -25.01 -4.82 15.48
N LEU B 27 -24.81 -6.03 15.99
CA LEU B 27 -24.35 -7.15 15.18
C LEU B 27 -25.54 -7.87 14.56
N GLY B 28 -25.27 -8.53 13.44
CA GLY B 28 -26.23 -9.38 12.77
C GLY B 28 -25.94 -10.82 13.07
N PRO B 29 -26.88 -11.71 12.69
CA PRO B 29 -26.72 -13.16 12.92
C PRO B 29 -26.16 -13.90 11.72
N PHE B 30 -25.23 -14.82 11.92
CA PHE B 30 -24.88 -15.77 10.86
C PHE B 30 -25.92 -16.88 10.77
N LYS B 31 -26.07 -17.40 9.57
CA LYS B 31 -26.88 -18.58 9.34
C LYS B 31 -26.02 -19.55 8.54
N ILE B 32 -26.15 -20.82 8.89
CA ILE B 32 -25.59 -21.92 8.13
C ILE B 32 -26.64 -22.31 7.06
N VAL B 33 -26.28 -22.15 5.77
CA VAL B 33 -27.24 -22.17 4.66
C VAL B 33 -26.59 -22.93 3.51
N SER B 34 -27.38 -23.63 2.69
CA SER B 34 -26.67 -24.46 1.71
C SER B 34 -26.21 -23.63 0.54
N GLY B 35 -26.92 -22.54 0.26
CA GLY B 35 -26.64 -21.59 -0.78
C GLY B 35 -27.60 -21.78 -1.94
N LYS B 36 -27.83 -20.70 -2.68
CA LYS B 36 -28.70 -20.79 -3.85
C LYS B 36 -28.14 -21.73 -4.91
N TRP B 37 -26.81 -21.88 -4.96
CA TRP B 37 -26.14 -22.81 -5.86
C TRP B 37 -24.85 -23.29 -5.22
N TYR B 38 -24.46 -24.51 -5.56
CA TYR B 38 -23.40 -25.21 -4.83
C TYR B 38 -22.97 -26.40 -5.68
N GLY B 39 -21.81 -26.94 -5.35
CA GLY B 39 -21.29 -28.12 -6.01
C GLY B 39 -21.62 -29.41 -5.30
N ASP B 40 -22.13 -29.33 -4.07
CA ASP B 40 -22.47 -30.51 -3.28
C ASP B 40 -23.63 -30.15 -2.35
N ALA B 41 -24.75 -30.87 -2.46
CA ALA B 41 -25.95 -30.57 -1.69
C ALA B 41 -25.80 -30.92 -0.21
N ASN B 42 -24.92 -31.85 0.12
CA ASN B 42 -24.61 -32.12 1.51
C ASN B 42 -23.66 -31.09 2.09
N ASN B 43 -23.03 -30.27 1.26
CA ASN B 43 -22.10 -29.27 1.74
C ASN B 43 -22.83 -28.00 2.11
N LYS B 44 -22.09 -27.12 2.77
CA LYS B 44 -22.67 -26.27 3.78
C LYS B 44 -21.69 -25.14 4.05
N GLY B 45 -22.23 -23.94 4.34
CA GLY B 45 -21.39 -22.77 4.60
C GLY B 45 -22.05 -21.73 5.51
N LEU B 46 -21.24 -20.79 6.02
CA LEU B 46 -21.71 -19.78 6.96
C LEU B 46 -21.99 -18.46 6.24
N GLN B 47 -23.21 -17.93 6.41
CA GLN B 47 -23.67 -16.78 5.64
C GLN B 47 -24.17 -15.62 6.53
N THR B 48 -23.75 -14.40 6.20
CA THR B 48 -24.33 -13.23 6.82
C THR B 48 -25.73 -13.04 6.26
N SER B 49 -26.69 -12.84 7.16
CA SER B 49 -28.10 -13.01 6.82
C SER B 49 -28.95 -11.75 6.94
N GLU B 50 -28.39 -10.61 7.31
CA GLU B 50 -29.22 -9.44 7.50
C GLU B 50 -28.42 -8.20 7.08
N ASP B 51 -29.01 -7.38 6.21
CA ASP B 51 -28.37 -6.23 5.58
C ASP B 51 -27.97 -5.14 6.59
N ASN B 52 -27.01 -4.33 6.16
CA ASN B 52 -26.42 -3.18 6.88
C ASN B 52 -26.10 -3.49 8.33
N LYS B 53 -25.30 -4.52 8.56
CA LYS B 53 -24.89 -4.82 9.92
C LYS B 53 -23.48 -5.36 9.92
N PHE B 54 -22.87 -5.32 11.08
CA PHE B 54 -21.55 -5.90 11.27
C PHE B 54 -21.72 -7.37 11.60
N TYR B 55 -20.71 -8.15 11.23
CA TYR B 55 -20.65 -9.56 11.55
C TYR B 55 -19.31 -9.82 12.19
N ILE B 56 -19.30 -10.20 13.46
CA ILE B 56 -18.08 -10.43 14.22
C ILE B 56 -18.22 -11.73 15.00
N ALA B 57 -17.41 -12.72 14.66
CA ALA B 57 -17.40 -13.96 15.40
C ALA B 57 -15.99 -14.52 15.38
N ALA B 58 -15.69 -15.38 16.35
CA ALA B 58 -14.34 -15.92 16.42
C ALA B 58 -14.37 -17.37 16.87
N ALA B 59 -13.32 -18.11 16.52
CA ALA B 59 -13.25 -19.52 16.87
C ALA B 59 -11.83 -19.86 17.24
N LYS B 60 -11.71 -20.81 18.15
CA LYS B 60 -10.41 -21.27 18.60
C LYS B 60 -9.89 -22.30 17.60
N LEU B 61 -8.59 -22.28 17.33
CA LEU B 61 -8.10 -23.27 16.39
C LEU B 61 -7.86 -24.60 17.09
N ASP B 62 -7.65 -25.65 16.28
CA ASP B 62 -7.51 -26.98 16.86
C ASP B 62 -6.33 -27.06 17.81
N GLU B 63 -5.33 -26.20 17.62
CA GLU B 63 -4.06 -26.23 18.32
C GLU B 63 -3.41 -24.87 18.19
N GLU B 64 -2.83 -24.37 19.28
CA GLU B 64 -2.00 -23.16 19.20
C GLU B 64 -0.64 -23.52 18.62
N PHE B 65 -0.16 -22.69 17.69
CA PHE B 65 1.08 -23.03 17.01
C PHE B 65 1.82 -21.77 16.60
N SER B 66 3.08 -21.97 16.23
CA SER B 66 3.89 -20.94 15.60
C SER B 66 4.44 -21.47 14.28
N ASN B 67 4.49 -20.60 13.29
CA ASN B 67 5.01 -20.98 12.00
C ASN B 67 6.51 -20.74 11.88
N LYS B 68 7.19 -20.50 13.00
CA LYS B 68 8.63 -20.29 12.95
C LYS B 68 9.27 -21.51 12.33
N ASP B 69 10.17 -21.27 11.37
CA ASP B 69 10.91 -22.33 10.71
C ASP B 69 9.99 -23.39 10.11
N LYS B 70 8.75 -23.01 9.76
CA LYS B 70 7.82 -23.90 9.07
C LYS B 70 7.10 -23.14 7.98
N ASN B 71 6.41 -23.90 7.12
CA ASN B 71 5.53 -23.26 6.18
C ASN B 71 4.18 -23.00 6.83
N LEU B 72 3.40 -22.15 6.18
CA LEU B 72 2.03 -21.96 6.62
C LEU B 72 1.21 -21.58 5.42
N ILE B 73 0.05 -22.22 5.28
CA ILE B 73 -0.88 -21.93 4.21
C ILE B 73 -2.22 -21.63 4.84
N VAL B 74 -2.85 -20.57 4.35
CA VAL B 74 -4.18 -20.15 4.74
C VAL B 74 -5.02 -20.12 3.49
N GLN B 75 -6.15 -20.79 3.54
CA GLN B 75 -6.86 -21.10 2.30
C GLN B 75 -8.31 -21.37 2.61
N TYR B 76 -9.18 -20.49 2.13
CA TYR B 76 -10.59 -20.61 2.41
C TYR B 76 -11.35 -20.16 1.18
N ASN B 77 -12.60 -20.64 1.10
CA ASN B 77 -13.43 -20.46 -0.08
C ASN B 77 -14.55 -19.50 0.27
N LEU B 78 -14.71 -18.47 -0.56
CA LEU B 78 -15.65 -17.43 -0.19
C LEU B 78 -16.53 -17.05 -1.38
N LYS B 79 -17.82 -16.88 -1.11
CA LYS B 79 -18.82 -16.65 -2.16
C LYS B 79 -19.60 -15.38 -1.84
N PHE B 80 -19.57 -14.42 -2.77
CA PHE B 80 -20.43 -13.25 -2.68
C PHE B 80 -21.73 -13.52 -3.44
N GLU B 81 -22.52 -14.43 -2.86
CA GLU B 81 -23.71 -14.92 -3.56
C GLU B 81 -24.69 -13.80 -3.93
N GLN B 82 -24.66 -12.71 -3.19
CA GLN B 82 -25.68 -11.68 -3.34
C GLN B 82 -25.40 -10.70 -4.45
N GLY B 83 -24.24 -10.81 -5.08
CA GLY B 83 -23.75 -9.76 -5.96
C GLY B 83 -23.34 -8.62 -5.07
N ILE B 84 -22.16 -8.72 -4.47
CA ILE B 84 -21.75 -7.77 -3.44
C ILE B 84 -21.68 -6.37 -4.04
N ASP B 85 -22.06 -5.39 -3.24
CA ASP B 85 -21.86 -3.98 -3.51
C ASP B 85 -20.82 -3.36 -2.59
N CYS B 86 -20.95 -3.59 -1.29
CA CYS B 86 -20.00 -3.13 -0.28
C CYS B 86 -20.06 -4.16 0.85
N GLY B 87 -18.94 -4.77 1.15
CA GLY B 87 -18.90 -5.75 2.22
C GLY B 87 -17.55 -6.42 2.25
N GLY B 88 -17.12 -6.86 3.44
CA GLY B 88 -15.90 -7.63 3.52
C GLY B 88 -16.14 -9.12 3.38
N GLY B 89 -15.10 -9.83 3.00
CA GLY B 89 -15.19 -11.27 2.97
C GLY B 89 -13.93 -11.86 3.55
N TYR B 90 -13.16 -11.05 4.30
CA TYR B 90 -11.82 -11.41 4.72
C TYR B 90 -11.90 -12.21 6.02
N ILE B 91 -10.75 -12.69 6.48
CA ILE B 91 -10.59 -13.30 7.79
C ILE B 91 -9.42 -12.63 8.47
N LYS B 92 -9.38 -12.79 9.80
CA LYS B 92 -8.23 -12.41 10.61
C LYS B 92 -7.77 -13.63 11.37
N LEU B 93 -6.47 -13.71 11.63
CA LEU B 93 -5.92 -14.74 12.51
C LEU B 93 -5.22 -14.07 13.68
N LEU B 94 -5.47 -14.57 14.91
CA LEU B 94 -5.09 -13.81 16.09
C LEU B 94 -4.19 -14.62 17.03
N PRO B 95 -3.24 -13.98 17.72
CA PRO B 95 -2.44 -14.69 18.73
C PRO B 95 -3.21 -14.92 20.02
N LYS B 96 -2.69 -15.86 20.81
CA LYS B 96 -3.36 -16.26 22.04
C LYS B 96 -3.51 -15.07 22.96
N LYS B 97 -2.47 -14.24 23.01
CA LYS B 97 -2.45 -13.05 23.83
C LYS B 97 -3.49 -12.01 23.41
N SER B 98 -4.15 -12.17 22.28
CA SER B 98 -4.98 -11.07 21.80
C SER B 98 -6.36 -11.03 22.46
N ILE B 99 -6.87 -12.17 22.91
CA ILE B 99 -8.27 -12.35 23.31
C ILE B 99 -8.31 -13.38 24.45
N GLU B 100 -8.95 -13.03 25.57
CA GLU B 100 -9.02 -14.01 26.65
C GLU B 100 -9.94 -15.16 26.29
N SER B 101 -10.98 -14.91 25.50
CA SER B 101 -11.72 -15.97 24.84
C SER B 101 -12.62 -15.36 23.75
N GLU B 102 -13.28 -16.25 22.99
CA GLU B 102 -13.86 -15.88 21.70
C GLU B 102 -14.78 -14.67 21.77
N GLU B 103 -15.64 -14.59 22.80
CA GLU B 103 -16.65 -13.54 22.81
C GLU B 103 -16.03 -12.16 22.92
N LYS B 104 -14.76 -12.06 23.26
CA LYS B 104 -14.19 -10.75 23.48
C LYS B 104 -13.47 -10.25 22.26
N PHE B 105 -13.58 -11.00 21.15
CA PHE B 105 -13.02 -10.59 19.88
C PHE B 105 -13.68 -9.30 19.41
N THR B 106 -12.86 -8.38 18.90
CA THR B 106 -13.30 -7.04 18.57
C THR B 106 -12.55 -6.56 17.32
N PRO B 107 -13.11 -5.60 16.61
CA PRO B 107 -12.34 -5.03 15.48
C PRO B 107 -10.98 -4.53 15.91
N GLU B 108 -10.88 -3.95 17.10
CA GLU B 108 -9.62 -3.45 17.63
C GLU B 108 -8.74 -4.56 18.20
N SER B 109 -9.23 -5.80 18.21
CA SER B 109 -8.43 -6.92 18.70
C SER B 109 -7.20 -7.07 17.84
N GLU B 110 -6.09 -7.39 18.48
CA GLU B 110 -4.83 -7.54 17.76
C GLU B 110 -4.87 -8.80 16.91
N TYR B 111 -4.42 -8.68 15.65
CA TYR B 111 -4.34 -9.84 14.78
C TYR B 111 -2.93 -9.97 14.20
N ASN B 112 -2.56 -11.20 13.83
CA ASN B 112 -1.30 -11.42 13.11
C ASN B 112 -1.44 -11.05 11.64
N ILE B 113 -2.48 -11.55 11.01
CA ILE B 113 -2.69 -11.41 9.57
C ILE B 113 -4.18 -11.23 9.35
N MET B 114 -4.51 -10.32 8.44
CA MET B 114 -5.86 -10.21 7.90
C MET B 114 -5.74 -10.44 6.40
N PHE B 115 -6.57 -11.32 5.87
CA PHE B 115 -6.39 -11.84 4.52
C PHE B 115 -7.76 -12.07 3.88
N GLY B 116 -7.89 -11.71 2.58
CA GLY B 116 -9.12 -12.02 1.88
C GLY B 116 -9.79 -10.86 1.19
N PRO B 117 -10.84 -11.19 0.43
CA PRO B 117 -11.56 -10.17 -0.37
C PRO B 117 -12.23 -9.09 0.45
N ASP B 118 -12.34 -7.91 -0.17
CA ASP B 118 -13.02 -6.79 0.47
C ASP B 118 -13.47 -5.88 -0.64
N VAL B 119 -14.77 -5.62 -0.72
CA VAL B 119 -15.36 -4.96 -1.87
C VAL B 119 -16.21 -3.80 -1.39
N CYS B 120 -16.02 -2.62 -1.98
CA CYS B 120 -16.88 -1.45 -1.73
C CYS B 120 -16.68 -0.46 -2.87
N GLY B 121 -17.73 -0.18 -3.63
CA GLY B 121 -17.57 0.74 -4.75
C GLY B 121 -16.53 0.26 -5.75
N GLY B 122 -15.57 1.12 -6.04
CA GLY B 122 -14.53 0.77 -6.98
C GLY B 122 -13.36 0.03 -6.39
N SER B 123 -13.38 -0.20 -5.09
CA SER B 123 -12.33 -0.94 -4.42
C SER B 123 -12.75 -2.41 -4.39
N LYS B 124 -11.95 -3.23 -5.06
CA LYS B 124 -12.10 -4.70 -5.00
C LYS B 124 -10.69 -5.25 -4.81
N ARG B 125 -10.32 -5.57 -3.58
CA ARG B 125 -8.98 -6.09 -3.37
C ARG B 125 -8.93 -7.22 -2.37
N THR B 126 -7.80 -7.91 -2.42
CA THR B 126 -7.50 -9.04 -1.59
C THR B 126 -6.49 -8.56 -0.57
N HIS B 127 -6.92 -8.48 0.69
CA HIS B 127 -6.04 -8.02 1.74
C HIS B 127 -4.94 -9.03 1.95
N VAL B 128 -3.74 -8.54 2.21
CA VAL B 128 -2.72 -9.34 2.88
C VAL B 128 -2.07 -8.38 3.89
N ILE B 129 -2.77 -8.07 4.98
CA ILE B 129 -2.29 -7.17 6.01
C ILE B 129 -1.38 -7.98 6.92
N MET B 130 -0.16 -7.52 7.13
CA MET B 130 0.77 -8.17 8.05
C MET B 130 1.05 -7.29 9.25
N ASN B 131 0.89 -7.87 10.42
CA ASN B 131 1.12 -7.12 11.65
C ASN B 131 2.59 -7.21 12.02
N TYR B 132 3.21 -6.08 12.32
CA TYR B 132 4.62 -6.08 12.69
C TYR B 132 4.86 -5.00 13.73
N LYS B 133 5.27 -5.42 14.93
CA LYS B 133 5.75 -4.49 15.95
C LYS B 133 4.67 -3.46 16.26
N GLY B 134 3.43 -3.93 16.36
CA GLY B 134 2.33 -3.07 16.71
C GLY B 134 1.59 -2.39 15.59
N LYS B 135 2.07 -2.45 14.35
CA LYS B 135 1.36 -1.85 13.22
C LYS B 135 0.87 -2.91 12.23
N ASN B 136 -0.31 -2.68 11.69
CA ASN B 136 -0.84 -3.49 10.61
C ASN B 136 -0.34 -2.89 9.31
N ASN B 137 0.27 -3.68 8.43
CA ASN B 137 0.84 -3.19 7.18
C ASN B 137 0.14 -3.78 5.97
N LEU B 138 -0.26 -2.91 5.05
CA LEU B 138 -0.94 -3.32 3.83
C LEU B 138 0.07 -3.76 2.75
N ILE B 139 -0.39 -4.64 1.87
CA ILE B 139 0.46 -5.42 0.98
C ILE B 139 1.30 -4.60 0.04
N ARG B 140 0.99 -3.34 -0.18
CA ARG B 140 1.93 -2.48 -0.96
C ARG B 140 1.93 -2.83 -2.45
N LYS B 141 0.95 -3.60 -2.92
CA LYS B 141 1.02 -4.28 -4.20
C LYS B 141 -0.39 -4.76 -4.50
N GLU B 142 -1.14 -4.07 -5.36
CA GLU B 142 -2.56 -4.35 -5.46
C GLU B 142 -2.80 -5.78 -5.94
N ILE B 143 -3.77 -6.43 -5.30
CA ILE B 143 -4.19 -7.79 -5.61
C ILE B 143 -5.71 -7.68 -5.71
N LYS B 144 -6.24 -7.67 -6.93
CA LYS B 144 -7.69 -7.54 -7.01
C LYS B 144 -8.35 -8.82 -6.52
N CYS B 145 -9.62 -8.70 -6.12
CA CYS B 145 -10.37 -9.82 -5.61
C CYS B 145 -11.58 -10.03 -6.51
N GLU B 146 -12.17 -11.22 -6.43
CA GLU B 146 -13.35 -11.47 -7.24
C GLU B 146 -14.61 -10.85 -6.64
N SER B 147 -15.55 -10.55 -7.53
CA SER B 147 -16.72 -9.75 -7.19
C SER B 147 -18.02 -10.37 -7.71
N ASP B 148 -17.97 -11.48 -8.46
CA ASP B 148 -19.17 -12.14 -8.96
C ASP B 148 -19.82 -12.98 -7.85
N ASP B 149 -20.74 -13.87 -8.23
CA ASP B 149 -21.57 -14.55 -7.24
C ASP B 149 -21.28 -16.04 -7.09
N ILE B 150 -20.11 -16.51 -7.53
CA ILE B 150 -19.73 -17.89 -7.26
C ILE B 150 -18.51 -17.88 -6.33
N SER B 151 -18.28 -19.04 -5.72
CA SER B 151 -17.21 -19.13 -4.75
C SER B 151 -15.87 -19.14 -5.45
N HIS B 152 -14.88 -18.52 -4.82
CA HIS B 152 -13.50 -18.52 -5.26
C HIS B 152 -12.61 -18.85 -4.08
N LEU B 153 -11.46 -19.45 -4.38
CA LEU B 153 -10.60 -20.02 -3.34
C LEU B 153 -9.37 -19.15 -3.16
N TYR B 154 -9.29 -18.46 -2.02
CA TYR B 154 -8.14 -17.60 -1.70
C TYR B 154 -7.06 -18.36 -0.92
N THR B 155 -5.81 -18.32 -1.41
CA THR B 155 -4.71 -19.06 -0.81
C THR B 155 -3.56 -18.14 -0.46
N LEU B 156 -3.14 -18.17 0.80
CA LEU B 156 -1.96 -17.45 1.20
C LEU B 156 -0.94 -18.47 1.69
N ILE B 157 0.27 -18.29 1.21
CA ILE B 157 1.45 -19.12 1.36
C ILE B 157 2.63 -18.33 1.92
N ILE B 158 3.12 -18.72 3.11
CA ILE B 158 4.15 -17.99 3.87
C ILE B 158 5.29 -18.90 4.28
N ARG B 159 6.49 -18.74 3.60
N ARG B 159 6.48 -18.74 3.62
CA ARG B 159 7.66 -19.59 3.77
CA ARG B 159 7.65 -19.60 3.76
C ARG B 159 8.71 -18.91 4.65
C ARG B 159 8.76 -18.92 4.58
N PRO B 160 9.53 -19.69 5.36
CA PRO B 160 10.49 -19.08 6.31
C PRO B 160 11.69 -18.41 5.65
N ASN B 161 11.85 -18.59 4.34
CA ASN B 161 12.64 -17.77 3.41
C ASN B 161 12.34 -16.26 3.48
N ASN B 162 11.33 -15.87 4.26
CA ASN B 162 10.80 -14.50 4.36
C ASN B 162 10.09 -14.08 3.07
N THR B 163 9.38 -15.00 2.41
CA THR B 163 8.60 -14.60 1.25
C THR B 163 7.20 -15.21 1.30
N TYR B 164 6.34 -14.81 0.35
CA TYR B 164 4.93 -15.21 0.33
C TYR B 164 4.51 -15.52 -1.09
N VAL B 165 3.28 -16.04 -1.20
CA VAL B 165 2.60 -16.28 -2.47
C VAL B 165 1.10 -16.15 -2.20
N VAL B 166 0.39 -15.53 -3.15
CA VAL B 166 -1.07 -15.40 -3.08
C VAL B 166 -1.62 -16.01 -4.37
N LYS B 167 -2.50 -16.99 -4.22
CA LYS B 167 -3.25 -17.53 -5.35
C LYS B 167 -4.74 -17.37 -5.12
N ILE B 168 -5.47 -17.34 -6.22
CA ILE B 168 -6.93 -17.35 -6.25
C ILE B 168 -7.35 -18.42 -7.22
N ASP B 169 -8.12 -19.38 -6.74
CA ASP B 169 -8.51 -20.52 -7.56
C ASP B 169 -7.30 -21.29 -8.08
N GLY B 170 -6.24 -21.34 -7.27
CA GLY B 170 -5.06 -22.12 -7.56
C GLY B 170 -4.07 -21.50 -8.49
N VAL B 171 -4.31 -20.28 -9.00
CA VAL B 171 -3.35 -19.63 -9.91
C VAL B 171 -2.70 -18.47 -9.17
N GLU B 172 -1.38 -18.56 -9.02
CA GLU B 172 -0.60 -17.58 -8.29
C GLU B 172 -0.81 -16.20 -8.87
N LYS B 173 -1.19 -15.23 -8.03
CA LYS B 173 -1.32 -13.89 -8.57
C LYS B 173 -0.35 -12.86 -7.97
N GLN B 174 0.37 -13.18 -6.90
CA GLN B 174 1.51 -12.36 -6.46
C GLN B 174 2.50 -13.21 -5.68
N GLU B 175 3.75 -12.76 -5.73
CA GLU B 175 4.89 -13.48 -5.20
C GLU B 175 5.95 -12.43 -4.97
N GLY B 176 6.52 -12.42 -3.78
CA GLY B 176 7.56 -11.46 -3.48
C GLY B 176 8.03 -11.68 -2.07
N LYS B 177 8.92 -10.80 -1.60
CA LYS B 177 9.59 -11.00 -0.32
C LYS B 177 9.10 -9.97 0.71
N PHE B 178 8.82 -10.42 1.94
CA PHE B 178 8.11 -9.53 2.88
C PHE B 178 8.74 -8.16 3.08
N ASP B 179 10.06 -8.06 3.02
CA ASP B 179 10.73 -6.79 3.25
C ASP B 179 10.67 -5.91 2.02
N GLU B 180 10.46 -6.51 0.85
CA GLU B 180 10.35 -5.70 -0.34
C GLU B 180 8.92 -5.31 -0.64
N ASP B 181 7.96 -6.18 -0.37
CA ASP B 181 6.60 -5.87 -0.76
C ASP B 181 5.73 -5.28 0.33
N TRP B 182 6.13 -5.22 1.58
CA TRP B 182 5.51 -4.34 2.59
C TRP B 182 6.49 -3.25 3.02
N ASP B 183 5.96 -2.20 3.63
CA ASP B 183 6.82 -1.21 4.30
C ASP B 183 6.81 -1.45 5.79
N MET B 184 6.94 -2.72 6.21
CA MET B 184 6.90 -3.05 7.63
C MET B 184 8.04 -2.42 8.39
N LEU B 185 9.19 -2.18 7.74
CA LEU B 185 10.35 -1.64 8.45
C LEU B 185 10.44 -0.13 8.31
N ALA B 186 9.33 0.51 7.97
CA ALA B 186 9.17 1.95 8.02
C ALA B 186 7.88 2.25 8.77
N PRO B 187 7.90 2.17 10.11
CA PRO B 187 6.66 2.34 10.91
C PRO B 187 6.12 3.76 10.96
N LYS B 188 6.92 4.78 10.73
CA LYS B 188 6.47 6.15 10.83
C LYS B 188 6.21 6.79 9.46
N GLU B 189 6.08 6.00 8.41
CA GLU B 189 5.88 6.60 7.10
C GLU B 189 4.47 7.17 6.99
N ILE B 190 3.50 6.43 7.52
CA ILE B 190 2.10 6.85 7.48
C ILE B 190 1.84 8.02 8.43
N ASP B 191 2.09 7.83 9.74
CA ASP B 191 1.75 8.86 10.73
C ASP B 191 2.72 10.05 10.77
N ASP B 192 4.01 9.82 10.63
CA ASP B 192 4.98 10.85 10.92
C ASP B 192 5.64 11.47 9.68
N GLY B 193 5.10 11.20 8.50
CA GLY B 193 5.66 11.74 7.26
C GLY B 193 7.08 11.32 6.98
N SER B 194 7.48 10.16 7.49
CA SER B 194 8.79 9.60 7.22
C SER B 194 8.80 8.92 5.86
N GLY B 195 9.99 8.64 5.36
CA GLY B 195 10.14 7.85 4.15
C GLY B 195 10.31 6.38 4.50
N ILE B 196 10.56 5.58 3.47
CA ILE B 196 10.96 4.20 3.73
C ILE B 196 12.39 4.17 4.24
N ALA B 197 13.29 4.85 3.54
CA ALA B 197 14.66 5.06 4.01
C ALA B 197 14.61 5.94 5.26
N ASN B 198 14.90 5.29 6.37
CA ASN B 198 14.89 5.87 7.70
C ASN B 198 16.00 5.17 8.49
N PRO B 199 16.44 5.77 9.61
CA PRO B 199 17.11 4.95 10.61
C PRO B 199 16.06 3.97 11.10
N ASP B 200 16.48 2.87 11.71
CA ASP B 200 15.60 1.78 12.14
C ASP B 200 15.09 0.93 11.00
N TYR B 201 15.47 1.21 9.75
CA TYR B 201 15.20 0.25 8.69
C TYR B 201 16.32 -0.75 8.83
N VAL B 202 15.99 -1.95 9.33
CA VAL B 202 16.97 -3.03 9.40
C VAL B 202 16.27 -4.31 9.04
N TYR B 203 16.91 -5.08 8.19
CA TYR B 203 16.29 -6.26 7.63
C TYR B 203 15.90 -7.21 8.76
N ASP B 204 14.71 -7.81 8.67
CA ASP B 204 14.28 -8.77 9.68
C ASP B 204 14.03 -10.11 9.03
N PRO B 205 14.92 -11.08 9.27
CA PRO B 205 14.70 -12.46 8.76
C PRO B 205 13.34 -13.08 9.13
N GLU B 206 12.62 -12.50 10.12
CA GLU B 206 11.43 -13.12 10.69
C GLU B 206 10.19 -12.24 10.52
N LEU B 207 10.12 -11.45 9.45
CA LEU B 207 8.86 -10.75 9.16
C LEU B 207 7.76 -11.72 8.80
N TYR B 208 8.11 -12.97 8.52
CA TYR B 208 7.14 -14.02 8.25
C TYR B 208 6.62 -14.67 9.52
N LYS B 209 7.34 -14.53 10.64
CA LYS B 209 7.06 -15.33 11.82
C LYS B 209 6.09 -14.64 12.77
N TYR B 210 5.21 -15.43 13.36
CA TYR B 210 4.34 -15.00 14.44
C TYR B 210 4.51 -16.03 15.55
N ASP B 211 4.69 -15.56 16.77
CA ASP B 211 4.93 -16.48 17.88
C ASP B 211 3.69 -17.34 18.16
N SER B 212 2.50 -16.78 18.05
CA SER B 212 1.27 -17.44 18.48
C SER B 212 0.16 -17.28 17.45
N PHE B 213 -0.38 -18.38 16.97
CA PHE B 213 -1.67 -18.45 16.29
C PHE B 213 -2.66 -19.20 17.18
N ALA B 214 -3.76 -18.55 17.56
CA ALA B 214 -4.68 -19.16 18.51
C ALA B 214 -6.15 -19.07 18.10
N TYR B 215 -6.55 -18.00 17.41
CA TYR B 215 -7.94 -17.81 17.01
C TYR B 215 -8.04 -17.42 15.54
N ILE B 216 -9.18 -17.76 14.92
CA ILE B 216 -9.55 -17.18 13.64
C ILE B 216 -10.82 -16.37 13.86
N GLY B 217 -10.96 -15.29 13.10
CA GLY B 217 -12.06 -14.36 13.35
C GLY B 217 -12.58 -13.73 12.08
N ILE B 218 -13.87 -13.44 12.08
CA ILE B 218 -14.54 -12.73 11.00
C ILE B 218 -15.18 -11.47 11.57
N ASP B 219 -14.85 -10.32 10.96
CA ASP B 219 -15.45 -9.06 11.41
C ASP B 219 -15.61 -8.17 10.17
N VAL B 220 -16.67 -8.42 9.44
CA VAL B 220 -16.93 -7.67 8.22
C VAL B 220 -18.18 -6.82 8.37
N TRP B 221 -18.16 -5.68 7.71
CA TRP B 221 -19.37 -4.91 7.49
C TRP B 221 -20.05 -5.44 6.24
N GLN B 222 -21.38 -5.50 6.27
CA GLN B 222 -22.10 -5.83 5.05
C GLN B 222 -23.22 -4.85 4.87
N VAL B 223 -23.34 -4.32 3.65
CA VAL B 223 -24.57 -3.61 3.33
C VAL B 223 -25.52 -4.65 2.74
N LYS B 224 -25.21 -5.23 1.58
CA LYS B 224 -25.97 -6.39 1.10
C LYS B 224 -25.37 -7.65 1.72
N ALA B 225 -26.11 -8.26 2.65
CA ALA B 225 -25.64 -9.50 3.26
C ALA B 225 -25.74 -10.65 2.26
N GLY B 226 -25.28 -11.82 2.67
CA GLY B 226 -25.35 -13.01 1.86
C GLY B 226 -24.03 -13.64 1.57
N THR B 227 -22.93 -12.95 1.88
CA THR B 227 -21.61 -13.55 1.81
C THR B 227 -21.56 -14.86 2.57
N ILE B 228 -20.89 -15.84 1.99
CA ILE B 228 -20.81 -17.17 2.57
C ILE B 228 -19.37 -17.60 2.69
N TYR B 229 -18.95 -17.94 3.90
CA TYR B 229 -17.66 -18.60 4.12
C TYR B 229 -17.91 -20.09 3.96
N ASP B 230 -17.33 -20.69 2.91
CA ASP B 230 -17.65 -22.10 2.61
C ASP B 230 -16.84 -23.03 3.52
N ASP B 231 -15.53 -23.06 3.29
CA ASP B 231 -14.54 -23.94 3.88
C ASP B 231 -13.37 -23.06 4.29
N ILE B 232 -12.71 -23.35 5.42
CA ILE B 232 -11.49 -22.66 5.81
C ILE B 232 -10.45 -23.70 6.19
N LEU B 233 -9.23 -23.56 5.64
CA LEU B 233 -8.14 -24.49 5.95
C LEU B 233 -6.88 -23.73 6.35
N ILE B 234 -6.22 -24.18 7.41
CA ILE B 234 -4.91 -23.69 7.81
C ILE B 234 -4.03 -24.88 8.11
N THR B 235 -2.82 -24.85 7.54
CA THR B 235 -1.93 -25.99 7.61
C THR B 235 -0.52 -25.58 7.25
N ASP B 236 0.42 -26.41 7.69
CA ASP B 236 1.84 -26.18 7.49
C ASP B 236 2.38 -27.00 6.34
N ASP B 237 1.53 -27.62 5.55
CA ASP B 237 2.03 -28.55 4.56
C ASP B 237 1.54 -28.11 3.20
N ILE B 238 2.48 -27.89 2.29
CA ILE B 238 2.13 -27.26 1.02
C ILE B 238 1.29 -28.20 0.18
N GLU B 239 1.74 -29.45 0.03
CA GLU B 239 0.98 -30.45 -0.74
C GLU B 239 -0.37 -30.74 -0.11
N GLU B 240 -0.51 -30.68 1.21
CA GLU B 240 -1.84 -30.93 1.77
C GLU B 240 -2.81 -29.82 1.36
N ALA B 241 -2.37 -28.58 1.42
CA ALA B 241 -3.26 -27.52 0.98
C ALA B 241 -3.52 -27.61 -0.51
N GLU B 242 -2.49 -27.89 -1.31
CA GLU B 242 -2.75 -28.09 -2.70
C GLU B 242 -3.27 -29.48 -2.92
N LYS B 243 -3.62 -30.27 -1.91
CA LYS B 243 -4.41 -31.49 -2.11
C LYS B 243 -5.91 -31.21 -1.88
N GLU B 244 -6.21 -30.37 -0.88
CA GLU B 244 -7.61 -30.06 -0.62
C GLU B 244 -8.21 -29.06 -1.60
N ALA B 245 -7.39 -28.22 -2.26
CA ALA B 245 -7.94 -27.18 -3.12
C ALA B 245 -8.67 -27.75 -4.34
N LYS B 246 -8.15 -28.80 -4.94
CA LYS B 246 -8.73 -29.38 -6.16
C LYS B 246 -10.03 -30.04 -5.82
N VAL B 247 -10.18 -30.46 -4.58
CA VAL B 247 -11.48 -30.89 -4.15
C VAL B 247 -12.40 -29.70 -4.20
N ILE B 248 -11.98 -28.60 -3.58
CA ILE B 248 -12.85 -27.43 -3.46
C ILE B 248 -13.07 -26.81 -4.83
N LEU B 249 -12.02 -26.76 -5.67
CA LEU B 249 -12.24 -26.11 -6.96
C LEU B 249 -12.98 -27.02 -7.90
N GLU B 250 -12.92 -28.32 -7.66
CA GLU B 250 -13.79 -29.18 -8.43
C GLU B 250 -15.23 -28.89 -8.05
N ARG B 251 -15.48 -28.77 -6.76
CA ARG B 251 -16.85 -28.50 -6.34
C ARG B 251 -17.30 -27.10 -6.75
N ASN B 252 -16.37 -26.14 -6.83
CA ASN B 252 -16.80 -24.83 -7.31
C ASN B 252 -17.16 -24.88 -8.79
N ALA B 253 -16.49 -25.73 -9.54
CA ALA B 253 -16.87 -25.91 -10.94
C ALA B 253 -18.29 -26.42 -11.03
N ALA B 254 -18.57 -27.48 -10.28
CA ALA B 254 -19.93 -27.97 -10.15
C ALA B 254 -20.85 -26.86 -9.72
N GLU B 255 -20.41 -26.07 -8.74
CA GLU B 255 -21.21 -24.95 -8.25
C GLU B 255 -21.54 -23.99 -9.38
N LYS B 256 -20.58 -23.73 -10.26
CA LYS B 256 -20.82 -22.85 -11.40
C LYS B 256 -21.88 -23.44 -12.33
N LYS B 257 -21.84 -24.76 -12.59
CA LYS B 257 -22.80 -25.25 -13.58
C LYS B 257 -24.22 -25.16 -13.01
N MET B 258 -24.40 -25.39 -11.70
CA MET B 258 -25.73 -25.16 -11.14
C MET B 258 -26.05 -23.67 -11.20
N ARG B 259 -25.05 -22.84 -10.89
CA ARG B 259 -25.19 -21.38 -11.03
C ARG B 259 -25.86 -20.99 -12.34
N ASP B 260 -25.30 -21.36 -13.48
CA ASP B 260 -25.90 -20.81 -14.70
C ASP B 260 -27.25 -21.42 -15.04
N GLU B 261 -27.67 -22.54 -14.41
CA GLU B 261 -29.00 -23.00 -14.78
C GLU B 261 -30.09 -22.26 -14.02
N ILE B 262 -29.79 -21.71 -12.85
CA ILE B 262 -30.84 -20.94 -12.20
C ILE B 262 -30.97 -19.60 -12.87
N LYS B 263 -29.94 -19.15 -13.56
CA LYS B 263 -30.08 -17.86 -14.22
C LYS B 263 -30.80 -17.94 -15.56
N GLU B 264 -31.10 -19.12 -16.09
CA GLU B 264 -32.05 -19.12 -17.19
C GLU B 264 -33.44 -19.54 -16.73
N ALA B 265 -33.56 -20.11 -15.52
CA ALA B 265 -34.90 -20.16 -14.96
C ALA B 265 -35.42 -18.76 -14.66
N GLU B 266 -34.51 -17.84 -14.32
CA GLU B 266 -34.77 -16.40 -14.11
C GLU B 266 -36.08 -16.11 -13.37
#